data_3NV6
#
_entry.id   3NV6
#
_cell.length_a   86.080
_cell.length_b   86.080
_cell.length_c   123.867
_cell.angle_alpha   90.00
_cell.angle_beta   90.00
_cell.angle_gamma   120.00
#
_symmetry.space_group_name_H-M   'P 32 2 1'
#
loop_
_entity.id
_entity.type
_entity.pdbx_description
1 polymer 'Cytochrome P450'
2 non-polymer 'PROTOPORPHYRIN IX CONTAINING FE'
3 non-polymer CAMPHOR
4 non-polymer DI(HYDROXYETHYL)ETHER
5 water water
#
_entity_poly.entity_id   1
_entity_poly.type   'polypeptide(L)'
_entity_poly.pdbx_seq_one_letter_code
;MGSSHHHHHHSSGLVPRGSHMGTTRMDTFNPQESRLATNFDEAVRAKVERPANVPEDRVYEIDMYALNGIEDGYHEAWKK
VQHPGIPDLIWTPFTGGHWIATNGDTVKEVYSDPTRFSSEVIFLPKEAGEKYQMVPTKMDPPEHTPYRKALDKGLNLAKI
RKVEDKVREVASSLIDSFAARGECDFAAEYAELFPVHVFMALADLPLEDIPVLSEYARQMTRPEGNTPEEMATDLEAGNN
GFYAYVDPIIRARVGGDGDDLITLMVNSEINGERIAHDKAQGLISLLLLGGLDTVVNFLSFFMIHLARHPELVAELRSDP
LKLMRGAEEMFRRFPVVSEARMVAKDQEYKGVFLKRGDMILLPTALHGLDDAANPEPWKLDFSRRSISHSTFGGGPHRCA
GMHLARMEVIVTLEEWLKRIPEFSFKEGETPIYHSGIVAAVENVPLVWPIAR
;
_entity_poly.pdbx_strand_id   A
#
loop_
_chem_comp.id
_chem_comp.type
_chem_comp.name
_chem_comp.formula
CAM non-polymer CAMPHOR 'C10 H16 O'
HEM non-polymer 'PROTOPORPHYRIN IX CONTAINING FE' 'C34 H32 Fe N4 O4'
PEG non-polymer DI(HYDROXYETHYL)ETHER 'C4 H10 O3'
#
# COMPACT_ATOMS: atom_id res chain seq x y z
N ALA A 46 -25.40 -9.35 -0.31
CA ALA A 46 -24.90 -10.68 -0.76
C ALA A 46 -24.11 -11.35 0.37
N LYS A 47 -24.80 -12.16 1.17
CA LYS A 47 -24.21 -12.82 2.33
C LYS A 47 -24.13 -14.31 2.11
N VAL A 48 -23.06 -14.91 2.63
CA VAL A 48 -22.84 -16.35 2.54
C VAL A 48 -23.32 -16.99 3.85
N GLU A 49 -23.78 -18.23 3.75
CA GLU A 49 -24.21 -19.04 4.88
C GLU A 49 -22.99 -19.33 5.80
N ARG A 50 -23.24 -19.36 7.10
CA ARG A 50 -22.17 -19.64 8.06
C ARG A 50 -21.69 -21.11 8.01
N PRO A 51 -20.39 -21.35 7.67
CA PRO A 51 -19.80 -22.69 7.62
C PRO A 51 -19.70 -23.37 8.99
N ALA A 52 -19.68 -24.71 9.00
CA ALA A 52 -19.57 -25.49 10.23
C ALA A 52 -18.30 -25.18 11.03
N ASN A 53 -17.25 -24.67 10.39
CA ASN A 53 -16.05 -24.31 11.14
C ASN A 53 -16.06 -22.92 11.79
N VAL A 54 -17.16 -22.18 11.64
CA VAL A 54 -17.24 -20.84 12.24
C VAL A 54 -18.19 -20.92 13.44
N PRO A 55 -17.68 -20.67 14.67
CA PRO A 55 -18.55 -20.53 15.85
C PRO A 55 -19.44 -19.27 15.75
N GLU A 56 -20.73 -19.45 16.10
CA GLU A 56 -21.71 -18.38 16.00
C GLU A 56 -21.24 -17.14 16.74
N ASP A 57 -20.52 -17.33 17.85
CA ASP A 57 -20.11 -16.20 18.66
C ASP A 57 -18.90 -15.46 18.07
N ARG A 58 -18.47 -15.86 16.87
CA ARG A 58 -17.36 -15.18 16.20
C ARG A 58 -17.85 -14.40 14.99
N VAL A 59 -19.14 -14.49 14.71
CA VAL A 59 -19.73 -13.87 13.52
C VAL A 59 -19.92 -12.37 13.72
N TYR A 60 -19.31 -11.57 12.86
CA TYR A 60 -19.52 -10.14 12.89
C TYR A 60 -19.92 -9.76 11.49
N GLU A 61 -20.88 -8.85 11.35
CA GLU A 61 -21.31 -8.46 10.01
C GLU A 61 -20.51 -7.29 9.49
N ILE A 62 -19.33 -7.60 8.96
CA ILE A 62 -18.39 -6.60 8.51
C ILE A 62 -18.15 -6.67 6.99
N ASP A 63 -18.34 -5.54 6.33
CA ASP A 63 -18.11 -5.45 4.90
C ASP A 63 -16.86 -4.58 4.70
N MET A 64 -15.77 -5.23 4.29
CA MET A 64 -14.48 -4.58 4.25
C MET A 64 -14.45 -3.45 3.24
N TYR A 65 -15.44 -3.44 2.34
CA TYR A 65 -15.58 -2.42 1.28
C TYR A 65 -16.56 -1.30 1.68
N ALA A 66 -17.19 -1.42 2.84
CA ALA A 66 -18.19 -0.44 3.29
C ALA A 66 -18.31 -0.58 4.79
N LEU A 67 -17.26 -0.15 5.50
CA LEU A 67 -17.25 -0.17 6.96
C LEU A 67 -18.26 0.85 7.47
N ASN A 68 -18.91 0.57 8.60
CA ASN A 68 -19.71 1.60 9.28
C ASN A 68 -18.88 2.76 9.74
N GLY A 69 -19.35 3.96 9.41
CA GLY A 69 -18.68 5.21 9.82
C GLY A 69 -17.43 5.58 9.01
N ILE A 70 -17.25 4.98 7.83
CA ILE A 70 -16.15 5.31 6.94
C ILE A 70 -15.98 6.82 6.71
N GLU A 71 -17.13 7.51 6.62
CA GLU A 71 -17.15 8.92 6.31
C GLU A 71 -16.48 9.75 7.39
N ASP A 72 -16.26 9.18 8.58
CA ASP A 72 -15.44 9.85 9.60
C ASP A 72 -13.96 9.46 9.61
N GLY A 73 -13.53 8.64 8.67
CA GLY A 73 -12.10 8.28 8.61
C GLY A 73 -11.92 6.79 8.45
N TYR A 74 -10.98 6.40 7.60
CA TYR A 74 -10.74 4.97 7.36
C TYR A 74 -10.26 4.27 8.63
N HIS A 75 -9.34 4.92 9.33
CA HIS A 75 -8.68 4.39 10.53
C HIS A 75 -9.65 4.35 11.68
N GLU A 76 -10.46 5.42 11.78
CA GLU A 76 -11.55 5.48 12.75
C GLU A 76 -12.53 4.33 12.53
N ALA A 77 -12.96 4.12 11.27
CA ALA A 77 -13.91 3.04 10.95
C ALA A 77 -13.34 1.66 11.30
N TRP A 78 -12.11 1.37 10.89
CA TRP A 78 -11.50 0.10 11.32
C TRP A 78 -11.36 -0.01 12.84
N LYS A 79 -10.95 1.08 13.50
CA LYS A 79 -10.82 0.98 14.96
C LYS A 79 -12.16 0.71 15.66
N LYS A 80 -13.25 1.21 15.08
CA LYS A 80 -14.56 0.99 15.72
C LYS A 80 -15.01 -0.45 15.59
N VAL A 81 -14.45 -1.17 14.61
CA VAL A 81 -14.62 -2.62 14.50
C VAL A 81 -13.93 -3.34 15.69
N GLN A 82 -12.74 -2.87 16.08
CA GLN A 82 -11.89 -3.51 17.11
C GLN A 82 -12.26 -3.07 18.52
N HIS A 83 -13.45 -3.46 18.96
CA HIS A 83 -13.93 -3.18 20.32
C HIS A 83 -13.13 -3.99 21.33
N PRO A 84 -13.16 -3.58 22.63
CA PRO A 84 -12.41 -4.29 23.69
C PRO A 84 -12.91 -5.71 23.86
N GLY A 85 -11.98 -6.67 23.88
CA GLY A 85 -12.31 -8.08 24.10
C GLY A 85 -12.78 -8.81 22.86
N ILE A 86 -12.74 -8.16 21.67
CA ILE A 86 -13.05 -8.81 20.40
C ILE A 86 -12.11 -10.04 20.19
N PRO A 87 -12.66 -11.19 19.75
CA PRO A 87 -11.73 -12.31 19.52
C PRO A 87 -10.58 -11.94 18.54
N ASP A 88 -9.44 -12.59 18.68
CA ASP A 88 -8.32 -12.45 17.74
C ASP A 88 -8.74 -12.71 16.28
N LEU A 89 -9.61 -13.70 16.07
CA LEU A 89 -10.07 -14.01 14.74
C LEU A 89 -11.60 -13.99 14.73
N ILE A 90 -12.19 -13.14 13.89
CA ILE A 90 -13.64 -13.15 13.72
C ILE A 90 -13.95 -13.60 12.31
N TRP A 91 -15.24 -13.59 11.96
CA TRP A 91 -15.71 -14.09 10.69
C TRP A 91 -16.93 -13.27 10.22
N THR A 92 -16.94 -12.94 8.92
CA THR A 92 -18.02 -12.20 8.28
C THR A 92 -18.56 -12.98 7.10
N PRO A 93 -19.91 -12.94 6.87
CA PRO A 93 -20.59 -13.60 5.75
C PRO A 93 -20.54 -12.77 4.48
N PHE A 94 -20.16 -11.49 4.61
CA PHE A 94 -19.94 -10.62 3.46
C PHE A 94 -18.68 -11.00 2.65
N THR A 95 -18.65 -10.61 1.38
CA THR A 95 -17.46 -10.71 0.53
C THR A 95 -16.98 -12.18 0.32
N GLY A 96 -17.95 -13.08 0.13
CA GLY A 96 -17.69 -14.53 0.01
C GLY A 96 -17.62 -15.30 1.31
N GLY A 97 -17.63 -14.59 2.45
CA GLY A 97 -17.34 -15.24 3.74
C GLY A 97 -15.84 -15.40 4.05
N HIS A 98 -15.38 -14.73 5.09
CA HIS A 98 -13.94 -14.80 5.44
C HIS A 98 -13.65 -14.46 6.91
N TRP A 99 -12.50 -14.90 7.37
CA TRP A 99 -12.03 -14.54 8.69
C TRP A 99 -11.35 -13.16 8.63
N ILE A 100 -11.21 -12.57 9.82
CA ILE A 100 -10.54 -11.29 9.93
C ILE A 100 -9.68 -11.38 11.17
N ALA A 101 -8.40 -11.00 11.01
CA ALA A 101 -7.47 -10.92 12.08
C ALA A 101 -7.75 -9.56 12.74
N THR A 102 -7.82 -9.50 14.07
CA THR A 102 -8.35 -8.27 14.72
C THR A 102 -7.33 -7.52 15.59
N ASN A 103 -6.11 -8.01 15.64
CA ASN A 103 -5.11 -7.33 16.44
C ASN A 103 -3.72 -7.53 15.87
N GLY A 104 -2.77 -6.89 16.54
CA GLY A 104 -1.39 -6.77 16.02
C GLY A 104 -0.70 -8.12 16.07
N ASP A 105 -0.85 -8.79 17.19
CA ASP A 105 -0.30 -10.11 17.39
C ASP A 105 -0.78 -11.05 16.27
N THR A 106 -2.09 -11.07 15.98
CA THR A 106 -2.54 -12.02 14.95
C THR A 106 -2.25 -11.63 13.49
N VAL A 107 -2.40 -10.35 13.14
CA VAL A 107 -1.89 -9.82 11.86
C VAL A 107 -0.40 -10.20 11.63
N LYS A 108 0.48 -9.90 12.59
CA LYS A 108 1.91 -10.23 12.47
C LYS A 108 2.09 -11.69 12.15
N GLU A 109 1.40 -12.52 12.92
CA GLU A 109 1.56 -13.96 12.81
C GLU A 109 1.09 -14.53 11.44
N VAL A 110 -0.08 -14.13 10.97
CA VAL A 110 -0.57 -14.62 9.67
C VAL A 110 0.36 -14.25 8.50
N TYR A 111 0.84 -12.99 8.50
CA TYR A 111 1.87 -12.54 7.54
C TYR A 111 3.19 -13.33 7.60
N SER A 112 3.57 -13.83 8.78
CA SER A 112 4.91 -14.38 8.90
C SER A 112 5.00 -15.83 8.40
N ASP A 113 3.88 -16.55 8.27
CA ASP A 113 3.99 -18.00 8.06
C ASP A 113 3.35 -18.51 6.75
N PRO A 114 4.16 -18.59 5.67
CA PRO A 114 3.64 -19.01 4.36
C PRO A 114 3.17 -20.47 4.39
N THR A 115 3.73 -21.27 5.29
CA THR A 115 3.38 -22.69 5.46
C THR A 115 1.94 -22.84 5.84
N ARG A 116 1.50 -21.97 6.77
CA ARG A 116 0.16 -22.03 7.32
C ARG A 116 -0.79 -21.12 6.57
N PHE A 117 -0.27 -20.00 6.07
CA PHE A 117 -1.11 -18.98 5.43
C PHE A 117 -0.43 -18.52 4.17
N SER A 118 -0.95 -19.01 3.03
CA SER A 118 -0.33 -18.96 1.74
C SER A 118 -0.76 -17.72 0.94
N SER A 119 0.12 -17.28 0.06
CA SER A 119 -0.15 -16.15 -0.80
C SER A 119 -0.85 -16.55 -2.13
N GLU A 120 -1.27 -17.81 -2.24
CA GLU A 120 -1.93 -18.29 -3.46
C GLU A 120 -3.12 -17.37 -3.76
N VAL A 121 -3.89 -16.98 -2.75
CA VAL A 121 -4.90 -15.93 -2.95
C VAL A 121 -4.64 -14.88 -1.90
N ILE A 122 -4.48 -13.62 -2.31
CA ILE A 122 -4.18 -12.54 -1.35
C ILE A 122 -5.21 -11.43 -1.35
N PHE A 123 -6.33 -11.62 -2.04
CA PHE A 123 -7.37 -10.66 -1.84
C PHE A 123 -8.80 -11.15 -1.91
N LEU A 124 -9.72 -10.29 -1.49
CA LEU A 124 -11.11 -10.64 -1.28
C LEU A 124 -12.00 -9.79 -2.20
N PRO A 125 -13.06 -10.40 -2.77
CA PRO A 125 -13.49 -11.78 -2.57
C PRO A 125 -12.54 -12.78 -3.25
N LYS A 126 -12.52 -14.02 -2.76
CA LYS A 126 -11.59 -15.08 -3.22
C LYS A 126 -11.63 -15.30 -4.74
N GLU A 127 -12.84 -15.40 -5.30
CA GLU A 127 -12.99 -15.59 -6.77
C GLU A 127 -12.35 -14.51 -7.63
N ALA A 128 -12.33 -13.28 -7.15
CA ALA A 128 -11.56 -12.21 -7.80
C ALA A 128 -10.05 -12.37 -7.58
N GLY A 129 -9.66 -12.62 -6.33
CA GLY A 129 -8.24 -12.82 -5.95
C GLY A 129 -7.58 -14.02 -6.63
N GLU A 130 -8.36 -15.09 -6.77
CA GLU A 130 -7.99 -16.29 -7.54
C GLU A 130 -7.69 -15.94 -8.99
N LYS A 131 -8.52 -15.05 -9.55
CA LYS A 131 -8.49 -14.71 -10.94
C LYS A 131 -7.39 -13.69 -11.24
N TYR A 132 -7.07 -12.85 -10.26
CA TYR A 132 -6.12 -11.73 -10.46
C TYR A 132 -4.76 -11.77 -9.69
N GLN A 133 -3.95 -12.80 -9.97
CA GLN A 133 -2.67 -12.98 -9.32
C GLN A 133 -1.63 -12.24 -10.13
N MET A 134 -0.48 -11.93 -9.49
CA MET A 134 0.62 -11.14 -10.08
C MET A 134 1.92 -11.76 -9.60
N VAL A 135 3.04 -11.38 -10.20
CA VAL A 135 4.30 -12.03 -9.90
C VAL A 135 5.19 -11.08 -9.09
N PRO A 136 5.71 -11.52 -7.91
CA PRO A 136 5.59 -12.82 -7.23
C PRO A 136 4.72 -12.80 -5.97
N THR A 137 3.85 -11.79 -5.84
CA THR A 137 2.92 -11.69 -4.71
C THR A 137 2.02 -12.93 -4.56
N LYS A 138 1.93 -13.76 -5.60
CA LYS A 138 1.10 -14.98 -5.52
C LYS A 138 1.88 -16.21 -5.07
N MET A 139 3.21 -16.11 -5.03
CA MET A 139 4.07 -17.27 -4.74
C MET A 139 4.42 -17.37 -3.28
N ASP A 140 4.47 -18.58 -2.76
CA ASP A 140 5.14 -18.80 -1.48
C ASP A 140 6.61 -19.11 -1.75
N PRO A 141 7.45 -19.06 -0.69
CA PRO A 141 8.78 -19.65 -0.85
C PRO A 141 8.61 -21.17 -0.97
N PRO A 142 9.48 -21.85 -1.74
CA PRO A 142 10.68 -21.32 -2.41
C PRO A 142 10.51 -20.65 -3.78
N GLU A 143 9.38 -20.83 -4.45
CA GLU A 143 9.19 -20.22 -5.78
C GLU A 143 9.42 -18.70 -5.76
N HIS A 144 8.87 -18.07 -4.72
CA HIS A 144 8.95 -16.61 -4.56
C HIS A 144 10.39 -16.06 -4.58
N THR A 145 11.30 -16.80 -3.95
CA THR A 145 12.67 -16.32 -3.61
C THR A 145 13.48 -15.68 -4.74
N PRO A 146 13.61 -16.37 -5.89
CA PRO A 146 14.39 -15.72 -6.96
C PRO A 146 13.72 -14.45 -7.49
N TYR A 147 12.38 -14.38 -7.49
CA TYR A 147 11.68 -13.18 -8.00
C TYR A 147 11.85 -12.00 -7.05
N ARG A 148 11.85 -12.26 -5.74
CA ARG A 148 12.10 -11.19 -4.75
C ARG A 148 13.53 -10.68 -4.91
N LYS A 149 14.46 -11.61 -5.13
CA LYS A 149 15.85 -11.23 -5.34
C LYS A 149 15.95 -10.25 -6.51
N ALA A 150 15.26 -10.55 -7.61
CA ALA A 150 15.21 -9.56 -8.72
C ALA A 150 14.64 -8.21 -8.24
N LEU A 151 13.49 -8.23 -7.57
CA LEU A 151 12.92 -6.99 -7.01
C LEU A 151 13.97 -6.22 -6.20
N ASP A 152 14.59 -6.90 -5.26
CA ASP A 152 15.58 -6.26 -4.36
C ASP A 152 16.71 -5.52 -5.09
N LYS A 153 17.07 -5.98 -6.29
CA LYS A 153 18.09 -5.29 -7.11
C LYS A 153 17.73 -3.82 -7.32
N GLY A 154 16.45 -3.53 -7.59
CA GLY A 154 16.04 -2.13 -7.83
C GLY A 154 15.59 -1.40 -6.56
N LEU A 155 15.35 -2.14 -5.47
CA LEU A 155 14.69 -1.53 -4.31
C LEU A 155 15.44 -1.59 -2.98
N ASN A 156 16.62 -2.20 -2.95
CA ASN A 156 17.34 -2.32 -1.67
C ASN A 156 17.75 -0.96 -1.09
N LEU A 157 18.01 -0.94 0.23
CA LEU A 157 18.25 0.29 0.97
C LEU A 157 19.37 1.10 0.34
N ALA A 158 20.47 0.39 -0.01
CA ALA A 158 21.66 1.00 -0.57
C ALA A 158 21.46 1.57 -1.97
N LYS A 159 20.72 0.84 -2.80
CA LYS A 159 20.35 1.33 -4.13
C LYS A 159 19.45 2.57 -4.01
N ILE A 160 18.44 2.52 -3.14
CA ILE A 160 17.54 3.66 -2.89
C ILE A 160 18.28 4.91 -2.44
N ARG A 161 19.34 4.76 -1.65
CA ARG A 161 20.11 5.95 -1.26
C ARG A 161 20.52 6.79 -2.49
N LYS A 162 20.96 6.12 -3.57
CA LYS A 162 21.47 6.80 -4.79
C LYS A 162 20.39 7.56 -5.58
N VAL A 163 19.14 7.34 -5.22
CA VAL A 163 18.02 7.79 -6.00
C VAL A 163 17.36 9.02 -5.30
N GLU A 164 17.91 9.40 -4.16
CA GLU A 164 17.34 10.46 -3.38
C GLU A 164 17.24 11.79 -4.13
N ASP A 165 18.28 12.15 -4.87
CA ASP A 165 18.25 13.41 -5.63
C ASP A 165 17.11 13.51 -6.63
N LYS A 166 16.83 12.41 -7.34
CA LYS A 166 15.76 12.37 -8.31
C LYS A 166 14.43 12.44 -7.61
N VAL A 167 14.27 11.72 -6.48
CA VAL A 167 12.98 11.76 -5.74
C VAL A 167 12.71 13.18 -5.22
N ARG A 168 13.79 13.85 -4.78
CA ARG A 168 13.70 15.17 -4.15
C ARG A 168 13.28 16.18 -5.21
N GLU A 169 13.71 15.91 -6.44
CA GLU A 169 13.43 16.81 -7.53
C GLU A 169 11.99 16.64 -7.97
N VAL A 170 11.44 15.44 -7.84
CA VAL A 170 10.02 15.26 -8.10
C VAL A 170 9.20 16.07 -7.08
N ALA A 171 9.56 15.91 -5.81
CA ALA A 171 8.90 16.56 -4.70
C ALA A 171 8.93 18.07 -4.89
N SER A 172 10.10 18.63 -5.16
CA SER A 172 10.25 20.09 -5.23
C SER A 172 9.50 20.71 -6.43
N SER A 173 9.47 20.01 -7.56
CA SER A 173 8.78 20.52 -8.75
C SER A 173 7.28 20.57 -8.61
N LEU A 174 6.70 19.46 -8.14
CA LEU A 174 5.28 19.43 -7.84
C LEU A 174 4.94 20.52 -6.85
N ILE A 175 5.72 20.63 -5.79
CA ILE A 175 5.42 21.62 -4.77
C ILE A 175 5.55 23.04 -5.34
N ASP A 176 6.53 23.24 -6.24
CA ASP A 176 6.79 24.57 -6.86
C ASP A 176 5.66 25.07 -7.75
N SER A 177 4.84 24.14 -8.24
CA SER A 177 3.66 24.42 -9.03
C SER A 177 2.62 25.26 -8.30
N PHE A 178 2.48 25.08 -6.99
CA PHE A 178 1.38 25.70 -6.27
C PHE A 178 1.77 26.43 -5.02
N ALA A 179 3.06 26.36 -4.66
CA ALA A 179 3.55 27.00 -3.45
C ALA A 179 3.18 28.48 -3.36
N ALA A 180 3.37 29.18 -4.48
CA ALA A 180 3.01 30.60 -4.62
C ALA A 180 1.48 30.84 -4.52
N ARG A 181 0.67 29.86 -4.85
CA ARG A 181 -0.79 30.04 -4.82
C ARG A 181 -1.45 30.15 -3.45
N GLY A 182 -0.78 29.70 -2.39
CA GLY A 182 -1.39 29.73 -1.07
C GLY A 182 -2.51 28.70 -0.88
N GLU A 183 -2.72 27.83 -1.87
CA GLU A 183 -3.71 26.76 -1.74
C GLU A 183 -3.50 25.68 -2.78
N CYS A 184 -3.94 24.45 -2.47
CA CYS A 184 -3.97 23.39 -3.46
C CYS A 184 -4.83 22.25 -2.96
N ASP A 185 -5.30 21.42 -3.89
CA ASP A 185 -5.83 20.12 -3.48
C ASP A 185 -4.66 19.10 -3.43
N PHE A 186 -4.20 18.80 -2.21
CA PHE A 186 -3.01 17.96 -2.03
C PHE A 186 -3.09 16.61 -2.72
N ALA A 187 -4.28 15.99 -2.66
CA ALA A 187 -4.49 14.70 -3.30
C ALA A 187 -4.30 14.80 -4.81
N ALA A 188 -5.02 15.75 -5.41
CA ALA A 188 -5.01 15.93 -6.85
C ALA A 188 -3.72 16.51 -7.38
N GLU A 189 -3.14 17.51 -6.72
CA GLU A 189 -1.97 18.21 -7.25
C GLU A 189 -0.60 17.71 -6.72
N TYR A 190 -0.58 16.85 -5.70
CA TYR A 190 0.70 16.22 -5.29
C TYR A 190 0.64 14.72 -5.29
N ALA A 191 -0.26 14.19 -4.46
CA ALA A 191 -0.26 12.77 -4.09
C ALA A 191 -0.48 11.83 -5.26
N GLU A 192 -1.44 12.20 -6.10
CA GLU A 192 -1.83 11.38 -7.25
C GLU A 192 -0.77 11.40 -8.34
N LEU A 193 0.06 12.45 -8.35
CA LEU A 193 1.03 12.66 -9.42
C LEU A 193 2.44 12.15 -9.02
N PHE A 194 2.78 12.38 -7.76
CA PHE A 194 4.12 12.07 -7.21
C PHE A 194 4.62 10.65 -7.54
N PRO A 195 3.78 9.62 -7.29
CA PRO A 195 4.28 8.27 -7.52
C PRO A 195 4.61 7.96 -8.97
N VAL A 196 3.73 8.37 -9.90
CA VAL A 196 3.97 8.13 -11.32
C VAL A 196 5.25 8.81 -11.76
N HIS A 197 5.47 10.06 -11.33
CA HIS A 197 6.72 10.75 -11.61
C HIS A 197 7.93 10.02 -11.04
N VAL A 198 7.83 9.47 -9.82
CA VAL A 198 8.98 8.76 -9.25
C VAL A 198 9.27 7.54 -10.12
N PHE A 199 8.21 6.83 -10.49
CA PHE A 199 8.35 5.65 -11.36
C PHE A 199 9.07 5.95 -12.67
N MET A 200 8.73 7.09 -13.29
CA MET A 200 9.39 7.46 -14.55
C MET A 200 10.90 7.62 -14.33
N ALA A 201 11.25 8.23 -13.22
CA ALA A 201 12.62 8.49 -12.89
C ALA A 201 13.34 7.18 -12.59
N LEU A 202 12.75 6.33 -11.75
CA LEU A 202 13.41 5.06 -11.44
C LEU A 202 13.45 4.10 -12.63
N ALA A 203 12.49 4.22 -13.54
CA ALA A 203 12.43 3.27 -14.66
C ALA A 203 13.08 3.88 -15.91
N ASP A 204 13.57 5.11 -15.77
CA ASP A 204 14.17 5.84 -16.90
C ASP A 204 13.19 5.91 -18.10
N LEU A 205 12.07 6.60 -17.91
CA LEU A 205 11.03 6.72 -18.93
C LEU A 205 10.79 8.21 -19.22
N PRO A 206 10.58 8.57 -20.52
CA PRO A 206 10.36 9.98 -20.94
C PRO A 206 9.18 10.59 -20.16
N LEU A 207 9.34 11.78 -19.58
CA LEU A 207 8.27 12.36 -18.75
C LEU A 207 6.99 12.67 -19.53
N GLU A 208 7.09 12.74 -20.86
CA GLU A 208 5.91 13.02 -21.70
C GLU A 208 4.99 11.81 -21.88
N ASP A 209 5.39 10.68 -21.29
CA ASP A 209 4.58 9.47 -21.29
C ASP A 209 3.73 9.35 -20.04
N ILE A 210 3.87 10.31 -19.14
CA ILE A 210 3.01 10.38 -17.96
C ILE A 210 1.50 10.25 -18.26
N PRO A 211 0.97 10.99 -19.26
CA PRO A 211 -0.49 10.83 -19.51
C PRO A 211 -0.92 9.39 -19.84
N VAL A 212 -0.23 8.71 -20.74
CA VAL A 212 -0.62 7.35 -21.08
C VAL A 212 -0.41 6.37 -19.91
N LEU A 213 0.69 6.53 -19.19
CA LEU A 213 0.99 5.67 -18.04
C LEU A 213 0.01 5.90 -16.88
N SER A 214 -0.32 7.18 -16.64
CA SER A 214 -1.36 7.50 -15.66
C SER A 214 -2.70 6.85 -15.97
N GLU A 215 -3.05 6.79 -17.26
CA GLU A 215 -4.32 6.15 -17.66
C GLU A 215 -4.28 4.68 -17.32
N TYR A 216 -3.18 4.04 -17.70
CA TYR A 216 -3.04 2.61 -17.43
C TYR A 216 -3.01 2.31 -15.92
N ALA A 217 -2.33 3.19 -15.17
CA ALA A 217 -2.25 3.12 -13.69
C ALA A 217 -3.63 3.10 -13.06
N ARG A 218 -4.48 4.07 -13.46
CA ARG A 218 -5.82 4.22 -12.94
C ARG A 218 -6.61 2.93 -13.18
N GLN A 219 -6.55 2.45 -14.42
CA GLN A 219 -7.24 1.22 -14.81
C GLN A 219 -6.72 -0.04 -14.06
N MET A 220 -5.41 -0.12 -13.85
CA MET A 220 -4.77 -1.24 -13.12
C MET A 220 -4.98 -1.18 -11.59
N THR A 221 -5.02 0.01 -11.02
CA THR A 221 -5.08 0.13 -9.54
C THR A 221 -6.49 0.34 -9.05
N ARG A 222 -7.30 1.05 -9.82
CA ARG A 222 -8.66 1.34 -9.41
C ARG A 222 -9.71 1.06 -10.51
N PRO A 223 -9.92 -0.22 -10.87
CA PRO A 223 -10.89 -0.57 -11.89
C PRO A 223 -12.30 -0.11 -11.52
N GLU A 224 -13.06 0.29 -12.53
CA GLU A 224 -14.45 0.65 -12.37
C GLU A 224 -15.32 -0.37 -13.06
N GLY A 225 -16.59 -0.43 -12.70
CA GLY A 225 -17.52 -1.31 -13.42
C GLY A 225 -18.79 -1.62 -12.66
N ASN A 226 -19.92 -1.56 -13.37
CA ASN A 226 -21.19 -1.90 -12.77
C ASN A 226 -21.49 -3.39 -12.90
N THR A 227 -20.78 -4.07 -13.81
CA THR A 227 -20.69 -5.54 -13.76
C THR A 227 -19.21 -5.94 -13.51
N PRO A 228 -18.98 -7.10 -12.85
CA PRO A 228 -17.60 -7.59 -12.61
C PRO A 228 -16.90 -7.87 -13.93
N GLU A 229 -17.70 -7.81 -14.98
CA GLU A 229 -17.31 -8.01 -16.36
C GLU A 229 -16.74 -6.71 -16.94
N GLU A 230 -17.41 -5.60 -16.60
CA GLU A 230 -16.99 -4.25 -16.98
C GLU A 230 -15.74 -3.89 -16.19
N MET A 231 -15.73 -4.29 -14.92
CA MET A 231 -14.56 -4.15 -14.09
C MET A 231 -13.38 -4.95 -14.67
N ALA A 232 -13.66 -6.18 -15.13
CA ALA A 232 -12.68 -7.03 -15.77
C ALA A 232 -12.13 -6.37 -17.05
N THR A 233 -12.97 -5.59 -17.73
CA THR A 233 -12.60 -4.90 -18.96
C THR A 233 -11.63 -3.77 -18.67
N ASP A 234 -11.96 -3.05 -17.60
CA ASP A 234 -11.20 -1.92 -17.16
C ASP A 234 -9.79 -2.37 -16.78
N LEU A 235 -9.69 -3.43 -15.98
CA LEU A 235 -8.41 -3.99 -15.57
C LEU A 235 -7.56 -4.43 -16.76
N GLU A 236 -8.20 -5.09 -17.73
CA GLU A 236 -7.50 -5.59 -18.93
C GLU A 236 -6.93 -4.44 -19.78
N ALA A 237 -7.72 -3.38 -19.96
CA ALA A 237 -7.28 -2.17 -20.64
C ALA A 237 -5.94 -1.70 -20.08
N GLY A 238 -5.89 -1.55 -18.74
CA GLY A 238 -4.70 -1.07 -18.09
C GLY A 238 -3.55 -2.05 -18.15
N ASN A 239 -3.81 -3.32 -17.80
CA ASN A 239 -2.76 -4.36 -17.74
C ASN A 239 -2.17 -4.60 -19.13
N ASN A 240 -3.03 -4.83 -20.12
CA ASN A 240 -2.52 -5.07 -21.48
C ASN A 240 -1.90 -3.80 -22.09
N GLY A 241 -2.47 -2.65 -21.76
CA GLY A 241 -1.94 -1.36 -22.26
C GLY A 241 -0.54 -1.16 -21.74
N PHE A 242 -0.35 -1.42 -20.45
CA PHE A 242 0.97 -1.24 -19.87
C PHE A 242 1.93 -2.28 -20.45
N TYR A 243 1.46 -3.52 -20.58
CA TYR A 243 2.25 -4.59 -21.19
C TYR A 243 2.81 -4.14 -22.58
N ALA A 244 1.91 -3.65 -23.43
CA ALA A 244 2.30 -3.24 -24.79
C ALA A 244 3.33 -2.11 -24.69
N TYR A 245 3.11 -1.18 -23.76
CA TYR A 245 3.99 -0.03 -23.62
C TYR A 245 5.44 -0.42 -23.25
N VAL A 246 5.65 -1.28 -22.26
CA VAL A 246 7.04 -1.60 -21.82
C VAL A 246 7.71 -2.68 -22.67
N ASP A 247 6.90 -3.46 -23.39
CA ASP A 247 7.43 -4.55 -24.22
C ASP A 247 8.65 -4.20 -25.09
N PRO A 248 8.59 -3.10 -25.91
CA PRO A 248 9.79 -2.77 -26.68
C PRO A 248 10.97 -2.25 -25.84
N ILE A 249 10.69 -1.67 -24.68
CA ILE A 249 11.70 -1.19 -23.77
C ILE A 249 12.42 -2.37 -23.07
N ILE A 250 11.67 -3.39 -22.68
CA ILE A 250 12.28 -4.60 -22.15
C ILE A 250 13.29 -5.16 -23.17
N ARG A 251 12.83 -5.33 -24.41
CA ARG A 251 13.66 -5.90 -25.48
C ARG A 251 14.87 -5.02 -25.76
N ALA A 252 14.70 -3.71 -25.78
CA ALA A 252 15.85 -2.83 -26.07
C ALA A 252 16.87 -2.82 -24.91
N ARG A 253 16.46 -3.35 -23.75
CA ARG A 253 17.25 -3.13 -22.51
C ARG A 253 17.96 -4.39 -22.03
N VAL A 254 17.63 -5.53 -22.63
CA VAL A 254 18.38 -6.77 -22.39
C VAL A 254 19.84 -6.54 -22.74
N GLY A 255 20.74 -7.00 -21.87
CA GLY A 255 22.19 -6.84 -22.07
C GLY A 255 22.63 -5.41 -21.86
N GLY A 256 21.70 -4.54 -21.43
CA GLY A 256 21.99 -3.11 -21.29
C GLY A 256 22.77 -2.79 -20.03
N ASP A 257 23.35 -1.60 -20.00
CA ASP A 257 24.19 -1.17 -18.90
C ASP A 257 23.47 -0.24 -17.90
N GLY A 258 22.20 0.07 -18.14
CA GLY A 258 21.49 1.04 -17.30
C GLY A 258 21.21 0.48 -15.92
N ASP A 259 21.01 1.34 -14.93
CA ASP A 259 20.63 0.84 -13.61
C ASP A 259 19.19 1.25 -13.24
N ASP A 260 18.40 1.62 -14.26
CA ASP A 260 16.96 1.78 -14.08
C ASP A 260 16.25 0.42 -13.73
N LEU A 261 15.00 0.51 -13.25
CA LEU A 261 14.19 -0.65 -12.86
C LEU A 261 13.98 -1.72 -13.93
N ILE A 262 13.78 -1.28 -15.18
CA ILE A 262 13.51 -2.21 -16.27
C ILE A 262 14.74 -3.05 -16.63
N THR A 263 15.86 -2.41 -16.88
CA THR A 263 17.07 -3.20 -17.18
C THR A 263 17.47 -4.15 -16.02
N LEU A 264 17.34 -3.67 -14.79
CA LEU A 264 17.61 -4.51 -13.64
C LEU A 264 16.71 -5.77 -13.59
N MET A 265 15.39 -5.62 -13.77
CA MET A 265 14.48 -6.80 -13.82
C MET A 265 14.75 -7.77 -14.99
N VAL A 266 14.87 -7.21 -16.20
CA VAL A 266 14.95 -8.08 -17.40
C VAL A 266 16.23 -8.88 -17.47
N ASN A 267 17.30 -8.36 -16.89
CA ASN A 267 18.57 -9.09 -16.87
C ASN A 267 18.77 -9.85 -15.57
N SER A 268 17.71 -10.03 -14.79
CA SER A 268 17.77 -10.91 -13.62
C SER A 268 17.75 -12.37 -14.06
N GLU A 269 18.42 -13.21 -13.27
CA GLU A 269 18.41 -14.65 -13.47
C GLU A 269 17.50 -15.33 -12.47
N ILE A 270 16.71 -16.26 -12.96
CA ILE A 270 15.79 -17.05 -12.17
C ILE A 270 16.26 -18.47 -12.36
N ASN A 271 16.53 -19.17 -11.25
CA ASN A 271 17.04 -20.56 -11.35
C ASN A 271 18.20 -20.81 -12.33
N GLY A 272 19.20 -19.93 -12.38
CA GLY A 272 20.37 -20.12 -13.25
C GLY A 272 20.29 -19.62 -14.68
N GLU A 273 19.09 -19.28 -15.16
CA GLU A 273 18.93 -18.71 -16.51
C GLU A 273 18.24 -17.34 -16.52
N ARG A 274 18.48 -16.54 -17.55
CA ARG A 274 17.83 -15.23 -17.62
C ARG A 274 16.32 -15.38 -17.45
N ILE A 275 15.72 -14.47 -16.69
CA ILE A 275 14.28 -14.43 -16.45
C ILE A 275 13.46 -14.46 -17.75
N ALA A 276 12.39 -15.26 -17.76
CA ALA A 276 11.47 -15.28 -18.88
C ALA A 276 10.91 -13.87 -19.16
N HIS A 277 10.78 -13.55 -20.46
CA HIS A 277 10.14 -12.31 -20.89
C HIS A 277 8.85 -11.94 -20.14
N ASP A 278 7.93 -12.88 -20.01
CA ASP A 278 6.69 -12.58 -19.37
C ASP A 278 6.81 -12.38 -17.84
N LYS A 279 7.77 -13.07 -17.22
CA LYS A 279 8.04 -12.89 -15.78
C LYS A 279 8.60 -11.48 -15.48
N ALA A 280 9.50 -11.01 -16.35
CA ALA A 280 10.09 -9.67 -16.23
C ALA A 280 9.01 -8.62 -16.43
N GLN A 281 8.11 -8.89 -17.37
CA GLN A 281 6.93 -8.09 -17.56
C GLN A 281 6.07 -7.99 -16.29
N GLY A 282 5.78 -9.13 -15.67
CA GLY A 282 5.04 -9.20 -14.40
C GLY A 282 5.74 -8.44 -13.27
N LEU A 283 7.06 -8.55 -13.20
CA LEU A 283 7.85 -7.82 -12.19
C LEU A 283 7.70 -6.31 -12.39
N ILE A 284 7.91 -5.87 -13.63
CA ILE A 284 7.89 -4.44 -13.94
C ILE A 284 6.53 -3.85 -13.68
N SER A 285 5.51 -4.64 -13.93
CA SER A 285 4.15 -4.24 -13.69
C SER A 285 3.89 -4.09 -12.17
N LEU A 286 4.46 -5.03 -11.41
CA LEU A 286 4.27 -5.04 -9.97
C LEU A 286 5.04 -3.88 -9.34
N LEU A 287 6.21 -3.57 -9.91
CA LEU A 287 6.93 -2.37 -9.52
C LEU A 287 6.16 -1.06 -9.74
N LEU A 288 5.46 -0.91 -10.87
CA LEU A 288 4.59 0.28 -11.05
C LEU A 288 3.51 0.29 -9.96
N LEU A 289 2.81 -0.84 -9.87
CA LEU A 289 1.64 -1.02 -9.01
C LEU A 289 1.93 -0.81 -7.51
N GLY A 290 3.02 -1.39 -7.04
CA GLY A 290 3.29 -1.46 -5.62
C GLY A 290 3.49 -0.09 -5.05
N GLY A 291 4.00 0.78 -5.89
CA GLY A 291 4.44 2.11 -5.51
C GLY A 291 3.45 3.20 -5.81
N LEU A 292 2.26 2.82 -6.29
CA LEU A 292 1.27 3.79 -6.71
C LEU A 292 0.20 4.06 -5.64
N ASP A 293 -0.82 3.25 -5.58
CA ASP A 293 -1.95 3.54 -4.74
C ASP A 293 -1.63 3.57 -3.24
N THR A 294 -0.75 2.69 -2.77
CA THR A 294 -0.30 2.76 -1.40
C THR A 294 0.22 4.16 -1.05
N VAL A 295 1.10 4.71 -1.89
CA VAL A 295 1.76 6.02 -1.63
C VAL A 295 0.79 7.20 -1.83
N VAL A 296 -0.02 7.14 -2.89
CA VAL A 296 -0.97 8.21 -3.16
C VAL A 296 -1.76 8.50 -1.87
N ASN A 297 -2.30 7.43 -1.28
CA ASN A 297 -3.22 7.56 -0.18
C ASN A 297 -2.51 7.78 1.13
N PHE A 298 -1.41 7.07 1.31
CA PHE A 298 -0.59 7.26 2.48
C PHE A 298 -0.20 8.74 2.65
N LEU A 299 0.38 9.32 1.61
CA LEU A 299 0.72 10.76 1.60
C LEU A 299 -0.45 11.66 2.08
N SER A 300 -1.62 11.49 1.49
CA SER A 300 -2.78 12.28 1.95
C SER A 300 -3.17 12.06 3.44
N PHE A 301 -3.23 10.80 3.89
CA PHE A 301 -3.58 10.55 5.29
C PHE A 301 -2.72 11.31 6.30
N PHE A 302 -1.40 11.31 6.09
CA PHE A 302 -0.54 12.08 6.98
C PHE A 302 -0.57 13.59 6.76
N MET A 303 -0.68 14.04 5.52
CA MET A 303 -0.88 15.50 5.28
C MET A 303 -2.18 16.05 5.91
N ILE A 304 -3.23 15.25 5.90
CA ILE A 304 -4.48 15.62 6.56
C ILE A 304 -4.26 15.84 8.03
N HIS A 305 -3.61 14.87 8.67
CA HIS A 305 -3.37 14.93 10.10
C HIS A 305 -2.46 16.13 10.41
N LEU A 306 -1.41 16.33 9.61
CA LEU A 306 -0.50 17.43 9.86
C LEU A 306 -1.18 18.81 9.64
N ALA A 307 -2.02 18.93 8.62
CA ALA A 307 -2.88 20.11 8.49
C ALA A 307 -3.61 20.43 9.80
N ARG A 308 -4.11 19.40 10.49
CA ARG A 308 -4.94 19.57 11.67
C ARG A 308 -4.16 19.60 12.98
N HIS A 309 -2.83 19.47 12.88
CA HIS A 309 -1.91 19.42 14.01
C HIS A 309 -0.74 20.44 13.81
N PRO A 310 -1.05 21.77 13.84
CA PRO A 310 0.02 22.79 13.66
C PRO A 310 1.18 22.63 14.66
N GLU A 311 0.90 22.15 15.87
CA GLU A 311 1.96 21.96 16.84
C GLU A 311 2.94 20.82 16.48
N LEU A 312 2.47 19.78 15.77
CA LEU A 312 3.39 18.76 15.22
C LEU A 312 4.20 19.31 14.08
N VAL A 313 3.53 20.03 13.17
CA VAL A 313 4.24 20.73 12.11
C VAL A 313 5.40 21.57 12.68
N ALA A 314 5.14 22.41 13.68
CA ALA A 314 6.23 23.23 14.27
C ALA A 314 7.36 22.37 14.76
N GLU A 315 7.00 21.26 15.42
CA GLU A 315 7.97 20.28 15.97
C GLU A 315 8.90 19.73 14.89
N LEU A 316 8.33 19.24 13.81
CA LEU A 316 9.06 18.74 12.66
C LEU A 316 9.91 19.79 11.95
N ARG A 317 9.40 21.02 11.96
CA ARG A 317 10.08 22.18 11.35
C ARG A 317 11.35 22.51 12.14
N SER A 318 11.23 22.43 13.46
CA SER A 318 12.29 22.77 14.35
C SER A 318 13.33 21.66 14.48
N ASP A 319 12.93 20.43 14.12
CA ASP A 319 13.78 19.29 14.34
C ASP A 319 13.85 18.35 13.12
N PRO A 320 14.76 18.63 12.18
CA PRO A 320 14.78 17.83 10.96
C PRO A 320 15.39 16.43 11.18
N LEU A 321 16.15 16.25 12.24
CA LEU A 321 16.53 14.90 12.59
C LEU A 321 15.33 14.07 13.07
N LYS A 322 14.43 14.69 13.84
CA LYS A 322 13.22 14.05 14.32
C LYS A 322 12.17 13.86 13.20
N LEU A 323 12.22 14.71 12.19
CA LEU A 323 11.42 14.49 10.98
C LEU A 323 11.82 13.17 10.29
N MET A 324 13.12 13.03 10.10
CA MET A 324 13.73 11.99 9.28
C MET A 324 13.56 10.68 10.00
N ARG A 325 13.66 10.76 11.32
CA ARG A 325 13.61 9.57 12.11
C ARG A 325 12.20 9.13 12.51
N GLY A 326 11.16 9.88 12.07
CA GLY A 326 9.77 9.59 12.46
C GLY A 326 8.87 9.16 11.30
N ALA A 327 9.46 8.93 10.12
CA ALA A 327 8.81 8.20 9.00
C ALA A 327 8.20 6.90 9.50
N GLU A 328 8.98 6.17 10.27
CA GLU A 328 8.49 4.96 10.92
C GLU A 328 7.20 5.14 11.75
N GLU A 329 7.13 6.21 12.54
CA GLU A 329 5.92 6.49 13.36
C GLU A 329 4.70 6.80 12.49
N MET A 330 4.96 7.45 11.36
CA MET A 330 3.89 7.70 10.42
C MET A 330 3.40 6.43 9.78
N PHE A 331 4.31 5.54 9.43
CA PHE A 331 3.88 4.26 8.82
C PHE A 331 3.00 3.49 9.77
N ARG A 332 3.34 3.50 11.07
CA ARG A 332 2.53 2.83 12.10
C ARG A 332 1.13 3.44 12.18
N ARG A 333 1.06 4.77 12.07
CA ARG A 333 -0.17 5.52 12.39
C ARG A 333 -1.16 5.58 11.21
N PHE A 334 -0.63 5.46 10.00
CA PHE A 334 -1.48 5.51 8.82
C PHE A 334 -1.38 4.29 7.89
N PRO A 335 -1.61 3.09 8.44
CA PRO A 335 -1.61 1.92 7.53
C PRO A 335 -2.76 1.98 6.54
N VAL A 336 -2.54 1.41 5.35
CA VAL A 336 -3.51 1.55 4.26
C VAL A 336 -3.91 0.21 3.59
N VAL A 337 -3.14 -0.84 3.85
CA VAL A 337 -3.41 -2.12 3.20
C VAL A 337 -4.28 -3.02 4.09
N SER A 338 -5.28 -3.62 3.46
CA SER A 338 -6.00 -4.76 4.03
C SER A 338 -6.22 -5.81 2.91
N GLU A 339 -5.14 -6.56 2.65
CA GLU A 339 -5.15 -7.71 1.78
C GLU A 339 -5.39 -8.94 2.65
N ALA A 340 -5.12 -10.11 2.10
CA ALA A 340 -5.51 -11.35 2.76
C ALA A 340 -4.44 -12.44 2.60
N ARG A 341 -4.60 -13.55 3.34
CA ARG A 341 -3.90 -14.82 3.10
C ARG A 341 -4.95 -15.92 2.97
N MET A 342 -4.62 -16.95 2.22
CA MET A 342 -5.42 -18.16 2.16
C MET A 342 -4.89 -19.22 3.12
N VAL A 343 -5.77 -19.82 3.93
CA VAL A 343 -5.35 -20.89 4.83
C VAL A 343 -4.80 -22.01 3.95
N ALA A 344 -3.52 -22.36 4.14
CA ALA A 344 -2.80 -23.22 3.15
C ALA A 344 -3.09 -24.73 3.35
N LYS A 345 -3.53 -25.07 4.55
CA LYS A 345 -3.87 -26.42 4.95
C LYS A 345 -4.80 -26.39 6.19
N ASP A 346 -5.60 -27.44 6.41
CA ASP A 346 -6.35 -27.58 7.66
C ASP A 346 -5.50 -27.45 8.92
N GLN A 347 -6.05 -26.84 9.96
CA GLN A 347 -5.22 -26.49 11.11
C GLN A 347 -6.09 -25.84 12.17
N GLU A 348 -5.67 -25.97 13.42
CA GLU A 348 -6.23 -25.20 14.53
C GLU A 348 -5.49 -23.89 14.72
N TYR A 349 -6.25 -22.83 14.96
CA TYR A 349 -5.69 -21.48 15.06
C TYR A 349 -6.63 -20.59 15.85
N LYS A 350 -6.13 -19.96 16.92
CA LYS A 350 -6.93 -18.98 17.70
C LYS A 350 -8.24 -19.59 18.21
N GLY A 351 -8.17 -20.88 18.58
CA GLY A 351 -9.31 -21.62 19.11
C GLY A 351 -10.38 -22.01 18.11
N VAL A 352 -10.08 -22.00 16.81
CA VAL A 352 -11.01 -22.52 15.80
C VAL A 352 -10.29 -23.46 14.87
N PHE A 353 -11.07 -24.22 14.09
CA PHE A 353 -10.52 -25.10 13.05
C PHE A 353 -10.68 -24.45 11.71
N LEU A 354 -9.53 -24.04 11.14
CA LEU A 354 -9.50 -23.37 9.87
C LEU A 354 -9.34 -24.40 8.76
N LYS A 355 -10.09 -24.21 7.68
CA LYS A 355 -10.03 -25.13 6.56
C LYS A 355 -9.13 -24.60 5.45
N ARG A 356 -8.35 -25.50 4.84
CA ARG A 356 -7.57 -25.16 3.66
C ARG A 356 -8.52 -24.45 2.74
N GLY A 357 -8.12 -23.31 2.17
CA GLY A 357 -8.97 -22.55 1.22
C GLY A 357 -9.75 -21.42 1.91
N ASP A 358 -9.93 -21.52 3.23
CA ASP A 358 -10.46 -20.39 4.02
C ASP A 358 -9.61 -19.13 3.77
N MET A 359 -10.20 -17.95 3.94
CA MET A 359 -9.47 -16.69 3.73
C MET A 359 -9.41 -15.90 5.01
N ILE A 360 -8.28 -15.21 5.21
CA ILE A 360 -8.10 -14.35 6.37
C ILE A 360 -7.69 -12.96 5.92
N LEU A 361 -8.56 -12.00 6.22
CA LEU A 361 -8.35 -10.60 5.90
C LEU A 361 -7.38 -10.04 6.93
N LEU A 362 -6.40 -9.25 6.45
CA LEU A 362 -5.38 -8.65 7.31
C LEU A 362 -5.47 -7.08 7.39
N PRO A 363 -6.34 -6.53 8.27
CA PRO A 363 -6.35 -5.05 8.37
C PRO A 363 -5.14 -4.50 9.11
N THR A 364 -4.17 -4.01 8.33
CA THR A 364 -2.92 -3.52 8.91
C THR A 364 -3.18 -2.33 9.83
N ALA A 365 -4.34 -1.67 9.69
CA ALA A 365 -4.74 -0.58 10.61
C ALA A 365 -4.84 -1.13 12.00
N LEU A 366 -5.25 -2.39 12.11
CA LEU A 366 -5.49 -3.00 13.43
C LEU A 366 -4.23 -3.51 14.14
N HIS A 367 -3.07 -3.33 13.50
CA HIS A 367 -1.81 -3.49 14.20
C HIS A 367 -1.28 -2.13 14.63
N GLY A 368 -0.98 -1.25 13.68
CA GLY A 368 -0.52 0.07 14.09
C GLY A 368 -1.35 0.80 15.16
N LEU A 369 -2.69 0.71 15.06
CA LEU A 369 -3.59 1.40 15.97
C LEU A 369 -4.02 0.53 17.19
N ASP A 370 -3.45 -0.66 17.32
CA ASP A 370 -3.73 -1.61 18.43
C ASP A 370 -3.04 -1.09 19.68
N ASP A 371 -3.81 -0.69 20.70
CA ASP A 371 -3.16 -0.19 21.92
C ASP A 371 -2.46 -1.28 22.75
N ALA A 372 -2.72 -2.56 22.49
CA ALA A 372 -1.91 -3.63 23.09
C ALA A 372 -0.49 -3.63 22.50
N ALA A 373 -0.38 -3.15 21.26
CA ALA A 373 0.91 -3.17 20.59
C ALA A 373 1.61 -1.83 20.88
N ASN A 374 0.85 -0.73 20.88
CA ASN A 374 1.41 0.64 21.02
C ASN A 374 0.55 1.49 21.95
N PRO A 375 1.03 1.75 23.20
CA PRO A 375 0.19 2.55 24.14
C PRO A 375 -0.20 3.88 23.52
N GLU A 376 -1.41 4.35 23.78
CA GLU A 376 -1.94 5.60 23.17
C GLU A 376 -1.70 5.62 21.66
N PRO A 377 -2.36 4.72 20.91
CA PRO A 377 -1.97 4.58 19.49
C PRO A 377 -2.33 5.73 18.57
N TRP A 378 -3.31 6.53 18.96
CA TRP A 378 -3.78 7.60 18.07
C TRP A 378 -2.79 8.74 17.93
N LYS A 379 -2.03 8.95 18.98
CA LYS A 379 -0.99 9.98 18.98
C LYS A 379 0.09 9.69 17.96
N LEU A 380 0.29 10.64 17.05
CA LEU A 380 1.45 10.66 16.20
C LEU A 380 2.56 11.25 17.07
N ASP A 381 3.48 10.39 17.49
CA ASP A 381 4.49 10.74 18.46
C ASP A 381 5.87 10.45 17.85
N PHE A 382 6.57 11.51 17.44
CA PHE A 382 7.85 11.33 16.79
C PHE A 382 8.95 10.90 17.74
N SER A 383 8.64 10.78 19.03
CA SER A 383 9.62 10.28 20.01
C SER A 383 9.26 8.89 20.48
N ARG A 384 8.26 8.30 19.82
CA ARG A 384 7.78 7.02 20.25
C ARG A 384 8.95 6.05 20.18
N ARG A 385 9.08 5.26 21.24
CA ARG A 385 10.20 4.39 21.46
C ARG A 385 10.11 3.05 20.76
N SER A 386 9.00 2.34 20.91
CA SER A 386 8.81 1.06 20.23
C SER A 386 7.69 1.19 19.25
N ILE A 387 8.03 1.24 17.97
CA ILE A 387 7.01 1.52 16.94
C ILE A 387 6.62 0.17 16.30
N SER A 388 5.53 -0.41 16.78
CA SER A 388 5.15 -1.74 16.34
C SER A 388 4.06 -1.68 15.29
N HIS A 389 4.26 -2.34 14.14
CA HIS A 389 3.25 -2.27 13.06
C HIS A 389 3.45 -3.33 11.98
N SER A 390 2.40 -3.54 11.17
CA SER A 390 2.51 -4.38 9.96
C SER A 390 2.18 -3.60 8.67
N THR A 391 2.50 -2.32 8.62
CA THR A 391 2.09 -1.47 7.51
C THR A 391 2.64 -1.98 6.15
N PHE A 392 3.80 -2.60 6.19
CA PHE A 392 4.47 -3.17 5.02
C PHE A 392 4.36 -4.71 4.98
N GLY A 393 3.43 -5.29 5.72
CA GLY A 393 3.30 -6.75 5.82
C GLY A 393 4.31 -7.31 6.82
N GLY A 394 4.84 -8.47 6.48
CA GLY A 394 5.74 -9.23 7.35
C GLY A 394 6.02 -10.52 6.61
N GLY A 395 6.90 -11.31 7.20
CA GLY A 395 7.43 -12.51 6.54
C GLY A 395 8.13 -12.18 5.23
N PRO A 396 8.23 -13.20 4.34
CA PRO A 396 9.07 -13.06 3.15
C PRO A 396 8.60 -12.02 2.13
N HIS A 397 7.29 -11.70 2.12
CA HIS A 397 6.78 -10.69 1.16
C HIS A 397 6.87 -9.23 1.66
N ARG A 398 7.41 -9.01 2.86
CA ARG A 398 7.43 -7.68 3.50
C ARG A 398 7.82 -6.63 2.48
N CYS A 399 6.98 -5.63 2.28
CA CYS A 399 7.13 -4.71 1.12
C CYS A 399 8.56 -4.51 0.59
N ALA A 400 8.84 -4.96 -0.64
CA ALA A 400 10.18 -4.73 -1.22
C ALA A 400 10.47 -3.25 -1.40
N GLY A 401 9.39 -2.46 -1.51
CA GLY A 401 9.51 -1.00 -1.68
C GLY A 401 9.63 -0.17 -0.41
N MET A 402 9.84 -0.81 0.73
CA MET A 402 9.77 -0.04 1.99
C MET A 402 10.83 1.06 2.16
N HIS A 403 12.05 0.81 1.67
CA HIS A 403 13.11 1.83 1.72
C HIS A 403 12.78 3.02 0.82
N LEU A 404 12.22 2.74 -0.34
CA LEU A 404 11.73 3.82 -1.24
C LEU A 404 10.56 4.59 -0.58
N ALA A 405 9.60 3.87 -0.02
CA ALA A 405 8.49 4.48 0.72
C ALA A 405 9.00 5.48 1.79
N ARG A 406 9.91 5.02 2.64
CA ARG A 406 10.48 5.83 3.71
C ARG A 406 11.11 7.10 3.11
N MET A 407 11.88 6.92 2.06
CA MET A 407 12.53 8.05 1.42
C MET A 407 11.52 9.01 0.77
N GLU A 408 10.48 8.46 0.15
CA GLU A 408 9.46 9.34 -0.47
C GLU A 408 8.78 10.20 0.57
N VAL A 409 8.47 9.58 1.69
CA VAL A 409 7.79 10.29 2.79
C VAL A 409 8.66 11.40 3.43
N ILE A 410 9.92 11.06 3.73
CA ILE A 410 10.80 12.00 4.36
C ILE A 410 11.07 13.18 3.42
N VAL A 411 11.46 12.87 2.19
CA VAL A 411 11.72 13.88 1.17
C VAL A 411 10.47 14.78 0.87
N THR A 412 9.27 14.20 0.71
CA THR A 412 8.03 15.00 0.55
C THR A 412 7.91 16.01 1.69
N LEU A 413 8.03 15.53 2.93
CA LEU A 413 7.95 16.37 4.11
C LEU A 413 9.02 17.44 4.19
N GLU A 414 10.27 17.11 3.83
CA GLU A 414 11.30 18.15 3.73
C GLU A 414 11.00 19.21 2.67
N GLU A 415 10.64 18.78 1.46
CA GLU A 415 10.46 19.75 0.41
C GLU A 415 9.25 20.66 0.69
N TRP A 416 8.19 20.06 1.24
CA TRP A 416 6.98 20.75 1.61
C TRP A 416 7.24 21.86 2.63
N LEU A 417 7.92 21.51 3.71
CA LEU A 417 8.16 22.44 4.79
C LEU A 417 9.14 23.55 4.47
N LYS A 418 10.07 23.28 3.54
CA LYS A 418 10.94 24.31 3.02
C LYS A 418 10.10 25.43 2.40
N ARG A 419 9.03 25.06 1.70
CA ARG A 419 8.19 26.02 0.94
C ARG A 419 6.94 26.50 1.66
N ILE A 420 6.36 25.64 2.49
CA ILE A 420 5.05 25.82 3.13
C ILE A 420 5.19 25.43 4.63
N PRO A 421 5.79 26.32 5.43
CA PRO A 421 6.12 25.93 6.80
C PRO A 421 4.92 25.84 7.76
N GLU A 422 3.79 26.42 7.36
CA GLU A 422 2.56 26.33 8.16
C GLU A 422 1.41 26.24 7.17
N PHE A 423 0.37 25.52 7.55
CA PHE A 423 -0.73 25.23 6.64
C PHE A 423 -1.85 24.62 7.42
N SER A 424 -3.02 24.52 6.79
CA SER A 424 -4.16 23.89 7.43
C SER A 424 -5.16 23.40 6.41
N PHE A 425 -6.18 22.73 6.93
CA PHE A 425 -7.23 22.19 6.10
C PHE A 425 -8.31 23.25 5.84
N LYS A 426 -8.63 23.46 4.57
CA LYS A 426 -9.64 24.42 4.16
C LYS A 426 -10.93 24.29 4.96
N GLU A 427 -11.34 25.39 5.59
CA GLU A 427 -12.55 25.45 6.41
C GLU A 427 -13.73 24.99 5.59
N GLY A 428 -14.65 24.31 6.24
CA GLY A 428 -15.87 23.89 5.56
C GLY A 428 -15.70 22.69 4.66
N GLU A 429 -14.48 22.16 4.58
CA GLU A 429 -14.23 21.01 3.71
C GLU A 429 -13.95 19.74 4.50
N THR A 430 -14.21 18.57 3.89
CA THR A 430 -13.95 17.28 4.52
C THR A 430 -13.41 16.26 3.49
N PRO A 431 -12.43 15.41 3.90
CA PRO A 431 -11.96 14.38 2.96
C PRO A 431 -13.02 13.36 2.72
N ILE A 432 -12.85 12.65 1.63
CA ILE A 432 -13.73 11.58 1.25
C ILE A 432 -12.92 10.26 1.39
N TYR A 433 -13.50 9.28 2.08
CA TYR A 433 -12.78 8.04 2.37
C TYR A 433 -13.42 6.85 1.72
N HIS A 434 -12.60 5.86 1.38
CA HIS A 434 -13.09 4.52 0.97
C HIS A 434 -12.28 3.41 1.63
N SER A 435 -12.92 2.29 1.93
CA SER A 435 -12.20 1.10 2.40
C SER A 435 -12.10 0.05 1.28
N GLY A 436 -11.14 -0.85 1.39
CA GLY A 436 -10.92 -1.83 0.34
C GLY A 436 -9.56 -2.46 0.48
N ILE A 437 -8.95 -2.86 -0.63
CA ILE A 437 -7.64 -3.43 -0.49
C ILE A 437 -6.65 -2.35 -0.03
N VAL A 438 -6.66 -1.21 -0.70
CA VAL A 438 -5.83 -0.07 -0.30
C VAL A 438 -6.76 1.09 0.07
N ALA A 439 -6.69 1.56 1.33
CA ALA A 439 -7.52 2.70 1.78
C ALA A 439 -7.42 3.87 0.79
N ALA A 440 -8.57 4.49 0.48
CA ALA A 440 -8.59 5.67 -0.38
C ALA A 440 -9.02 6.95 0.35
N VAL A 441 -8.26 8.03 0.12
CA VAL A 441 -8.71 9.37 0.53
C VAL A 441 -8.50 10.33 -0.61
N GLU A 442 -9.53 11.13 -0.86
CA GLU A 442 -9.41 12.30 -1.73
C GLU A 442 -10.10 13.51 -1.13
N ASN A 443 -10.06 14.61 -1.87
CA ASN A 443 -10.50 15.91 -1.39
C ASN A 443 -9.71 16.39 -0.18
N VAL A 444 -8.56 16.99 -0.46
CA VAL A 444 -7.63 17.41 0.57
C VAL A 444 -7.19 18.86 0.27
N PRO A 445 -8.16 19.81 0.36
CA PRO A 445 -7.83 21.22 0.14
C PRO A 445 -7.00 21.78 1.28
N LEU A 446 -5.80 22.24 0.96
CA LEU A 446 -4.94 22.77 1.98
C LEU A 446 -4.75 24.26 1.74
N VAL A 447 -4.54 25.06 2.77
CA VAL A 447 -4.40 26.51 2.59
C VAL A 447 -3.22 27.00 3.41
N TRP A 448 -2.56 28.09 2.97
CA TRP A 448 -1.40 28.65 3.70
C TRP A 448 -1.16 30.11 3.33
N PRO A 449 -0.68 30.92 4.29
CA PRO A 449 -0.30 32.32 4.07
C PRO A 449 0.29 32.64 2.67
CHA HEM B . 4.60 -5.55 -1.04
CHB HEM B . 2.54 -1.99 1.47
CHC HEM B . 5.19 1.28 -0.97
CHD HEM B . 6.56 -2.20 -4.05
C1A HEM B . 3.90 -4.87 -0.11
C2A HEM B . 3.13 -5.49 0.93
C3A HEM B . 2.53 -4.51 1.65
C4A HEM B . 2.93 -3.25 1.05
CMA HEM B . 1.57 -4.63 2.86
CAA HEM B . 3.08 -7.03 1.09
CBA HEM B . 2.13 -7.75 0.13
CGA HEM B . 1.93 -9.20 0.55
O1A HEM B . 1.01 -9.85 -0.02
O2A HEM B . 2.65 -9.78 1.41
C1B HEM B . 3.11 -0.80 1.05
C2B HEM B . 2.91 0.50 1.67
C3B HEM B . 3.66 1.36 0.99
C4B HEM B . 4.34 0.67 -0.06
CMB HEM B . 2.00 0.82 2.91
CAB HEM B . 3.79 2.88 1.21
CBB HEM B . 3.04 3.51 2.12
C1C HEM B . 5.80 0.64 -2.00
C2C HEM B . 6.67 1.25 -2.96
C3C HEM B . 7.01 0.29 -3.81
C4C HEM B . 6.39 -0.96 -3.44
CMC HEM B . 7.10 2.75 -2.99
CAC HEM B . 7.95 0.49 -5.00
CBC HEM B . 7.53 0.09 -6.18
C1D HEM B . 6.21 -3.43 -3.51
C2D HEM B . 6.48 -4.74 -4.09
C3D HEM B . 5.87 -5.76 -3.16
C4D HEM B . 5.26 -4.99 -2.12
CMD HEM B . 7.28 -5.02 -5.38
CAD HEM B . 5.85 -7.32 -3.25
CBD HEM B . 7.05 -7.92 -2.52
CGD HEM B . 6.99 -9.45 -2.48
O1D HEM B . 5.91 -10.07 -2.74
O2D HEM B . 8.05 -10.05 -2.15
NA HEM B . 3.80 -3.51 -0.02
NB HEM B . 4.00 -0.65 0.00
NC HEM B . 5.65 -0.71 -2.30
ND HEM B . 5.48 -3.63 -2.36
FE HEM B . 4.85 -2.18 -1.10
C1 CAM C . 0.02 -4.93 -2.52
C2 CAM C . 0.66 -4.37 -3.75
O CAM C . 1.98 -3.98 -3.83
C3 CAM C . -0.27 -4.42 -4.92
C4 CAM C . -1.22 -5.46 -4.33
C5 CAM C . -0.37 -6.70 -4.01
C6 CAM C . 0.41 -6.38 -2.74
C7 CAM C . -1.43 -4.87 -2.95
C8 CAM C . -1.93 -3.44 -3.05
C9 CAM C . -2.38 -5.77 -2.18
C10 CAM C . 0.39 -4.24 -1.21
C1 PEG D . -4.82 12.84 18.12
O1 PEG D . -5.04 14.17 17.58
C2 PEG D . -3.38 12.32 18.01
O2 PEG D . -2.60 13.17 17.14
C3 PEG D . -1.16 13.03 17.04
C4 PEG D . -0.54 13.83 18.21
O4 PEG D . 0.86 14.21 18.13
#